data_1X01
#
_entry.id   1X01
#
_cell.length_a   38.404
_cell.length_b   82.828
_cell.length_c   72.174
_cell.angle_alpha   90.00
_cell.angle_beta   102.78
_cell.angle_gamma   90.00
#
_symmetry.space_group_name_H-M   'P 1 21 1'
#
loop_
_entity.id
_entity.type
_entity.pdbx_description
1 polymer 'biotin--[acetyl-CoA-carboxylase] ligase'
2 non-polymer "ADENOSINE-5'-TRIPHOSPHATE"
3 non-polymer 'PHOSPHATE ION'
4 non-polymer 'ACETIC ACID'
5 water water
#
_entity_poly.entity_id   1
_entity_poly.type   'polypeptide(L)'
_entity_poly.pdbx_seq_one_letter_code
;MLGLKTSIIGRRVIYFQEITSTNEFAKTSYLEEGTVIVADKQTMGHGRLNRKWESPEGGLWLSIVLSPKVPQKDLPKIVF
LGAVGVVETLKEFSIDGRIKWPNDVLVNYKKIAGVLVEGKGDKIVLGIGLNVNNKVPNGATSMKLELGSEVPLLSVFRSL
ITNLDRLYLNFLKNPMDILNLVRDNMILGVRVKILGDGSFEGIAEDIDDFGRLIIRLDSGEVKKVIYGDVSLRFL
;
_entity_poly.pdbx_strand_id   A,B
#
# COMPACT_ATOMS: atom_id res chain seq x y z
N MET A 1 -4.79 4.74 3.52
CA MET A 1 -5.89 4.01 4.22
C MET A 1 -5.32 3.03 5.24
N LEU A 2 -4.00 2.85 5.24
CA LEU A 2 -3.36 1.92 6.18
C LEU A 2 -3.25 2.49 7.60
N GLY A 3 -3.21 3.81 7.71
CA GLY A 3 -3.11 4.43 9.01
C GLY A 3 -1.83 4.14 9.79
N LEU A 4 -0.70 4.13 9.08
CA LEU A 4 0.59 3.87 9.73
C LEU A 4 0.95 5.08 10.58
N LYS A 5 1.59 4.85 11.71
CA LYS A 5 1.97 5.93 12.62
C LYS A 5 3.48 6.08 12.79
N THR A 6 4.24 5.41 11.93
CA THR A 6 5.70 5.45 12.00
C THR A 6 6.29 6.80 11.57
N SER A 7 7.50 7.07 12.04
CA SER A 7 8.22 8.31 11.73
C SER A 7 8.86 8.37 10.34
N ILE A 8 9.62 7.33 9.99
CA ILE A 8 10.31 7.29 8.70
C ILE A 8 9.96 6.06 7.86
N ILE A 9 10.14 4.87 8.44
CA ILE A 9 9.86 3.65 7.71
C ILE A 9 8.36 3.47 7.60
N GLY A 10 7.86 3.51 6.37
CA GLY A 10 6.44 3.37 6.15
C GLY A 10 5.73 4.69 5.90
N ARG A 11 6.48 5.76 5.65
CA ARG A 11 5.88 7.06 5.37
C ARG A 11 5.11 6.87 4.07
N ARG A 12 5.66 5.99 3.24
CA ARG A 12 5.08 5.63 1.96
C ARG A 12 5.27 4.13 1.80
N VAL A 13 4.34 3.49 1.11
CA VAL A 13 4.41 2.06 0.86
C VAL A 13 3.94 1.83 -0.58
N ILE A 14 4.70 1.04 -1.32
CA ILE A 14 4.31 0.71 -2.69
C ILE A 14 4.06 -0.78 -2.71
N TYR A 15 2.81 -1.15 -2.97
CA TYR A 15 2.41 -2.55 -3.02
C TYR A 15 2.23 -3.07 -4.42
N PHE A 16 2.69 -4.30 -4.64
CA PHE A 16 2.59 -4.97 -5.94
C PHE A 16 1.92 -6.33 -5.79
N GLN A 17 1.01 -6.65 -6.69
CA GLN A 17 0.40 -7.98 -6.67
C GLN A 17 1.55 -8.93 -6.98
N GLU A 18 2.47 -8.48 -7.85
CA GLU A 18 3.61 -9.29 -8.26
C GLU A 18 4.77 -8.39 -8.74
N ILE A 19 6.00 -8.85 -8.53
CA ILE A 19 7.18 -8.08 -8.93
C ILE A 19 8.35 -9.02 -9.15
N THR A 20 9.37 -8.58 -9.88
CA THR A 20 10.53 -9.42 -10.10
C THR A 20 11.29 -9.57 -8.78
N SER A 21 11.60 -8.42 -8.18
CA SER A 21 12.34 -8.36 -6.92
C SER A 21 12.08 -7.00 -6.27
N THR A 22 11.69 -6.99 -4.99
CA THR A 22 11.43 -5.73 -4.30
C THR A 22 12.74 -4.98 -4.10
N ASN A 23 13.83 -5.72 -3.92
CA ASN A 23 15.14 -5.11 -3.72
C ASN A 23 15.61 -4.39 -4.99
N GLU A 24 15.43 -5.04 -6.13
CA GLU A 24 15.82 -4.46 -7.41
C GLU A 24 15.00 -3.21 -7.70
N PHE A 25 13.71 -3.25 -7.38
CA PHE A 25 12.85 -2.10 -7.63
C PHE A 25 13.25 -0.93 -6.72
N ALA A 26 13.55 -1.25 -5.46
CA ALA A 26 13.95 -0.23 -4.49
C ALA A 26 15.27 0.43 -4.90
N LYS A 27 16.23 -0.38 -5.34
CA LYS A 27 17.54 0.13 -5.75
C LYS A 27 17.48 1.00 -7.01
N THR A 28 16.68 0.57 -7.98
CA THR A 28 16.56 1.24 -9.27
C THR A 28 15.69 2.50 -9.29
N SER A 29 14.59 2.49 -8.55
CA SER A 29 13.68 3.63 -8.54
C SER A 29 14.11 4.80 -7.67
N TYR A 30 13.62 5.99 -8.02
CA TYR A 30 13.90 7.19 -7.25
C TYR A 30 12.85 7.16 -6.16
N LEU A 31 13.26 6.84 -4.93
CA LEU A 31 12.34 6.75 -3.82
C LEU A 31 12.87 7.46 -2.58
N GLU A 32 11.96 8.06 -1.81
CA GLU A 32 12.36 8.76 -0.60
C GLU A 32 12.63 7.79 0.54
N GLU A 33 13.48 8.22 1.47
CA GLU A 33 13.84 7.41 2.63
C GLU A 33 12.59 7.00 3.38
N GLY A 34 12.56 5.75 3.81
CA GLY A 34 11.42 5.24 4.56
C GLY A 34 10.41 4.50 3.70
N THR A 35 10.53 4.63 2.38
CA THR A 35 9.60 3.98 1.46
C THR A 35 9.75 2.47 1.48
N VAL A 36 8.63 1.78 1.71
CA VAL A 36 8.60 0.33 1.76
C VAL A 36 8.02 -0.23 0.46
N ILE A 37 8.72 -1.20 -0.12
CA ILE A 37 8.28 -1.87 -1.35
C ILE A 37 7.88 -3.28 -0.91
N VAL A 38 6.61 -3.63 -1.10
CA VAL A 38 6.12 -4.94 -0.70
C VAL A 38 5.28 -5.58 -1.79
N ALA A 39 5.45 -6.89 -1.98
CA ALA A 39 4.73 -7.61 -3.03
C ALA A 39 4.15 -8.93 -2.56
N ASP A 40 3.02 -9.32 -3.14
CA ASP A 40 2.40 -10.59 -2.75
C ASP A 40 3.36 -11.72 -3.11
N LYS A 41 4.13 -11.52 -4.17
CA LYS A 41 5.11 -12.53 -4.60
C LYS A 41 6.18 -11.93 -5.50
N GLN A 42 7.38 -12.52 -5.45
CA GLN A 42 8.49 -12.08 -6.27
C GLN A 42 8.75 -13.21 -7.25
N THR A 43 8.99 -12.88 -8.51
CA THR A 43 9.26 -13.91 -9.50
C THR A 43 10.74 -14.17 -9.66
N MET A 44 11.56 -13.22 -9.23
CA MET A 44 13.01 -13.35 -9.34
C MET A 44 13.76 -12.82 -8.13
N GLY A 45 13.41 -13.30 -6.94
CA GLY A 45 14.09 -12.85 -5.74
C GLY A 45 15.34 -13.68 -5.47
N HIS A 46 16.37 -13.04 -4.91
CA HIS A 46 17.61 -13.75 -4.59
C HIS A 46 17.99 -13.53 -3.13
N GLY A 47 18.93 -14.33 -2.63
CA GLY A 47 19.38 -14.20 -1.26
C GLY A 47 20.69 -13.43 -1.17
N ARG A 48 21.27 -13.36 0.02
CA ARG A 48 22.53 -12.64 0.22
C ARG A 48 23.66 -13.23 -0.63
N LEU A 49 23.67 -14.55 -0.76
CA LEU A 49 24.67 -15.26 -1.54
C LEU A 49 24.33 -15.21 -3.04
N ASN A 50 23.32 -14.39 -3.39
CA ASN A 50 22.90 -14.24 -4.77
C ASN A 50 22.24 -15.53 -5.28
N ARG A 51 21.71 -16.32 -4.36
CA ARG A 51 21.05 -17.57 -4.71
C ARG A 51 19.55 -17.36 -4.82
N LYS A 52 18.86 -18.31 -5.45
CA LYS A 52 17.41 -18.20 -5.63
C LYS A 52 16.66 -18.26 -4.30
N TRP A 53 15.73 -17.33 -4.11
CA TRP A 53 14.92 -17.28 -2.90
C TRP A 53 13.45 -17.40 -3.29
N GLU A 54 12.79 -18.44 -2.78
CA GLU A 54 11.37 -18.66 -3.09
C GLU A 54 10.51 -17.60 -2.42
N SER A 55 9.69 -16.92 -3.21
CA SER A 55 8.83 -15.87 -2.69
C SER A 55 7.37 -16.01 -3.15
N PRO A 56 6.74 -17.16 -2.85
CA PRO A 56 5.36 -17.42 -3.24
C PRO A 56 4.37 -16.61 -2.42
N GLU A 57 3.13 -16.57 -2.86
CA GLU A 57 2.09 -15.84 -2.15
C GLU A 57 1.92 -16.43 -0.76
N GLY A 58 1.61 -15.59 0.21
CA GLY A 58 1.44 -16.03 1.58
C GLY A 58 2.55 -15.54 2.48
N GLY A 59 3.69 -15.20 1.88
CA GLY A 59 4.81 -14.70 2.65
C GLY A 59 4.90 -13.18 2.64
N LEU A 60 5.83 -12.65 3.43
CA LEU A 60 6.03 -11.21 3.51
C LEU A 60 7.34 -10.86 2.81
N TRP A 61 7.23 -10.27 1.62
CA TRP A 61 8.40 -9.91 0.82
C TRP A 61 8.47 -8.38 0.68
N LEU A 62 9.43 -7.78 1.36
CA LEU A 62 9.55 -6.33 1.31
C LEU A 62 10.98 -5.79 1.33
N SER A 63 11.11 -4.54 0.93
CA SER A 63 12.40 -3.85 0.91
C SER A 63 12.14 -2.44 1.41
N ILE A 64 13.11 -1.90 2.14
CA ILE A 64 12.99 -0.56 2.68
C ILE A 64 14.16 0.31 2.21
N VAL A 65 13.84 1.49 1.68
CA VAL A 65 14.85 2.42 1.22
C VAL A 65 15.32 3.19 2.45
N LEU A 66 16.63 3.21 2.68
CA LEU A 66 17.20 3.93 3.83
C LEU A 66 18.38 4.78 3.37
N SER A 67 18.62 5.87 4.08
CA SER A 67 19.75 6.74 3.77
C SER A 67 20.28 7.24 5.10
N PRO A 68 20.88 6.33 5.89
CA PRO A 68 21.44 6.65 7.20
C PRO A 68 22.69 7.53 7.09
N LYS A 69 22.74 8.56 7.92
CA LYS A 69 23.87 9.47 7.92
C LYS A 69 24.75 9.16 9.12
N VAL A 70 25.24 7.93 9.16
CA VAL A 70 26.10 7.47 10.24
C VAL A 70 27.47 7.10 9.69
N PRO A 71 28.47 7.00 10.58
CA PRO A 71 29.83 6.64 10.14
C PRO A 71 29.81 5.38 9.29
N GLN A 72 30.70 5.30 8.31
CA GLN A 72 30.77 4.14 7.43
C GLN A 72 31.11 2.86 8.17
N LYS A 73 31.55 3.01 9.42
CA LYS A 73 31.92 1.86 10.25
C LYS A 73 30.69 1.15 10.82
N ASP A 74 29.57 1.86 10.90
CA ASP A 74 28.34 1.30 11.44
C ASP A 74 27.46 0.70 10.34
N LEU A 75 27.68 1.15 9.12
CA LEU A 75 26.91 0.69 7.97
C LEU A 75 26.67 -0.81 7.88
N PRO A 76 27.65 -1.63 8.30
CA PRO A 76 27.42 -3.08 8.21
C PRO A 76 26.39 -3.62 9.22
N LYS A 77 25.87 -2.75 10.08
CA LYS A 77 24.89 -3.16 11.09
C LYS A 77 23.45 -3.03 10.64
N ILE A 78 23.23 -2.51 9.44
CA ILE A 78 21.89 -2.35 8.89
C ILE A 78 21.20 -3.71 8.81
N VAL A 79 21.95 -4.75 8.44
CA VAL A 79 21.37 -6.08 8.34
C VAL A 79 20.79 -6.52 9.69
N PHE A 80 21.47 -6.16 10.78
CA PHE A 80 21.01 -6.54 12.11
C PHE A 80 19.66 -5.93 12.45
N LEU A 81 19.43 -4.69 12.00
CA LEU A 81 18.16 -4.03 12.27
C LEU A 81 17.04 -4.89 11.69
N GLY A 82 17.26 -5.39 10.48
CA GLY A 82 16.28 -6.23 9.83
C GLY A 82 16.05 -7.51 10.61
N ALA A 83 17.13 -8.21 10.92
CA ALA A 83 17.04 -9.46 11.67
C ALA A 83 16.36 -9.27 13.04
N VAL A 84 16.76 -8.25 13.78
CA VAL A 84 16.14 -8.02 15.10
C VAL A 84 14.67 -7.64 14.94
N GLY A 85 14.37 -6.81 13.95
CA GLY A 85 12.99 -6.43 13.71
C GLY A 85 12.13 -7.68 13.56
N VAL A 86 12.59 -8.63 12.74
CA VAL A 86 11.86 -9.87 12.53
C VAL A 86 11.72 -10.65 13.83
N VAL A 87 12.82 -10.79 14.58
CA VAL A 87 12.76 -11.52 15.84
C VAL A 87 11.70 -10.96 16.78
N GLU A 88 11.67 -9.63 16.92
CA GLU A 88 10.71 -8.97 17.79
C GLU A 88 9.28 -9.25 17.32
N THR A 89 9.04 -9.14 16.01
CA THR A 89 7.72 -9.41 15.49
C THR A 89 7.33 -10.85 15.77
N LEU A 90 8.27 -11.78 15.58
CA LEU A 90 7.98 -13.18 15.85
C LEU A 90 7.64 -13.39 17.33
N LYS A 91 8.35 -12.71 18.23
CA LYS A 91 8.07 -12.86 19.66
C LYS A 91 6.65 -12.40 19.96
N GLU A 92 6.23 -11.32 19.29
CA GLU A 92 4.88 -10.78 19.44
C GLU A 92 3.85 -11.84 19.08
N PHE A 93 4.20 -12.71 18.14
CA PHE A 93 3.29 -13.78 17.73
C PHE A 93 3.64 -15.09 18.44
N SER A 94 4.39 -14.96 19.53
CA SER A 94 4.83 -16.09 20.33
C SER A 94 5.62 -17.17 19.60
N ILE A 95 6.50 -16.73 18.70
CA ILE A 95 7.36 -17.64 17.95
C ILE A 95 8.78 -17.29 18.34
N ASP A 96 9.57 -18.30 18.69
CA ASP A 96 10.95 -18.08 19.13
C ASP A 96 11.97 -18.00 17.99
N GLY A 97 12.04 -16.85 17.34
CA GLY A 97 13.00 -16.67 16.28
C GLY A 97 14.36 -16.41 16.87
N ARG A 98 15.40 -17.02 16.31
CA ARG A 98 16.75 -16.83 16.79
C ARG A 98 17.60 -16.47 15.58
N ILE A 99 18.53 -15.55 15.77
CA ILE A 99 19.40 -15.09 14.70
C ILE A 99 20.63 -15.93 14.39
N LYS A 100 20.77 -16.32 13.13
CA LYS A 100 21.93 -17.06 12.67
C LYS A 100 22.79 -16.00 11.99
N TRP A 101 23.94 -15.71 12.57
CA TRP A 101 24.81 -14.67 12.01
C TRP A 101 25.06 -14.90 10.52
N PRO A 102 25.03 -13.81 9.74
CA PRO A 102 24.69 -12.49 10.23
C PRO A 102 23.29 -12.02 9.80
N ASN A 103 22.57 -12.84 9.02
CA ASN A 103 21.40 -12.28 8.34
C ASN A 103 20.14 -13.16 8.38
N ASP A 104 20.23 -14.30 9.08
CA ASP A 104 19.09 -15.21 9.09
C ASP A 104 18.39 -15.27 10.45
N VAL A 105 17.07 -15.56 10.38
CA VAL A 105 16.32 -15.89 11.58
C VAL A 105 15.77 -17.31 11.50
N LEU A 106 16.10 -18.13 12.48
CA LEU A 106 15.67 -19.53 12.49
C LEU A 106 14.77 -19.84 13.67
N VAL A 107 13.94 -20.86 13.49
CA VAL A 107 13.06 -21.34 14.55
C VAL A 107 13.37 -22.83 14.58
N ASN A 108 13.97 -23.27 15.68
CA ASN A 108 14.39 -24.67 15.85
C ASN A 108 15.36 -25.04 14.73
N TYR A 109 16.25 -24.09 14.43
CA TYR A 109 17.26 -24.27 13.39
C TYR A 109 16.71 -24.38 11.97
N LYS A 110 15.46 -23.96 11.78
CA LYS A 110 14.83 -23.96 10.47
C LYS A 110 14.60 -22.51 10.06
N LYS A 111 15.11 -22.15 8.89
CA LYS A 111 15.03 -20.80 8.34
C LYS A 111 13.61 -20.29 8.14
N ILE A 112 13.25 -19.21 8.84
CA ILE A 112 11.93 -18.63 8.71
C ILE A 112 11.99 -17.25 8.04
N ALA A 113 13.19 -16.68 7.95
CA ALA A 113 13.36 -15.38 7.32
C ALA A 113 14.81 -15.09 6.97
N GLY A 114 14.98 -14.26 5.95
CA GLY A 114 16.31 -13.87 5.50
C GLY A 114 16.35 -12.38 5.22
N VAL A 115 17.50 -11.76 5.50
CA VAL A 115 17.68 -10.33 5.31
C VAL A 115 18.83 -10.08 4.35
N LEU A 116 18.64 -9.15 3.42
CA LEU A 116 19.65 -8.83 2.42
C LEU A 116 19.79 -7.32 2.28
N VAL A 117 20.99 -6.81 2.56
CA VAL A 117 21.24 -5.39 2.46
C VAL A 117 22.06 -5.10 1.21
N GLU A 118 21.63 -4.11 0.43
CA GLU A 118 22.33 -3.70 -0.78
C GLU A 118 22.40 -2.19 -0.79
N GLY A 119 23.50 -1.63 -1.27
CA GLY A 119 23.59 -0.18 -1.28
C GLY A 119 24.72 0.43 -2.05
N LYS A 120 24.37 1.25 -3.03
CA LYS A 120 25.36 1.93 -3.84
C LYS A 120 25.42 3.39 -3.38
N GLY A 121 26.48 3.73 -2.66
CA GLY A 121 26.64 5.08 -2.18
C GLY A 121 25.78 5.43 -0.97
N ASP A 122 24.97 6.47 -1.11
CA ASP A 122 24.11 6.95 -0.03
C ASP A 122 22.84 6.13 0.17
N LYS A 123 22.35 5.51 -0.89
CA LYS A 123 21.12 4.72 -0.82
C LYS A 123 21.35 3.29 -0.37
N ILE A 124 20.69 2.91 0.72
CA ILE A 124 20.81 1.56 1.26
C ILE A 124 19.44 0.89 1.27
N VAL A 125 19.36 -0.30 0.69
CA VAL A 125 18.11 -1.04 0.64
C VAL A 125 18.13 -2.22 1.60
N LEU A 126 17.20 -2.25 2.54
CA LEU A 126 17.10 -3.32 3.52
C LEU A 126 16.01 -4.27 3.04
N GLY A 127 16.42 -5.44 2.57
CA GLY A 127 15.47 -6.43 2.07
C GLY A 127 15.18 -7.49 3.11
N ILE A 128 13.90 -7.85 3.22
CA ILE A 128 13.48 -8.85 4.19
C ILE A 128 12.47 -9.82 3.58
N GLY A 129 12.71 -11.11 3.80
CA GLY A 129 11.82 -12.14 3.30
C GLY A 129 11.42 -12.98 4.50
N LEU A 130 10.13 -12.97 4.84
CA LEU A 130 9.62 -13.71 5.99
C LEU A 130 8.51 -14.67 5.57
N ASN A 131 8.70 -15.95 5.88
CA ASN A 131 7.72 -16.98 5.54
C ASN A 131 6.57 -16.94 6.54
N VAL A 132 5.40 -16.56 6.07
CA VAL A 132 4.23 -16.49 6.94
C VAL A 132 3.28 -17.67 6.67
N ASN A 133 2.51 -17.59 5.58
CA ASN A 133 1.54 -18.65 5.24
C ASN A 133 1.90 -19.37 3.95
N ASN A 134 3.05 -19.03 3.37
CA ASN A 134 3.49 -19.62 2.11
C ASN A 134 4.14 -20.97 2.30
N LYS A 135 4.18 -21.77 1.24
CA LYS A 135 4.84 -23.06 1.30
C LYS A 135 6.32 -22.70 1.31
N VAL A 136 7.14 -23.55 1.94
CA VAL A 136 8.56 -23.29 2.03
C VAL A 136 9.39 -24.49 1.59
N PRO A 137 10.65 -24.23 1.19
CA PRO A 137 11.52 -25.33 0.76
C PRO A 137 11.92 -26.18 1.97
N ASN A 138 12.37 -27.41 1.71
CA ASN A 138 12.78 -28.30 2.79
C ASN A 138 13.80 -27.65 3.71
N GLY A 139 13.60 -27.83 5.01
CA GLY A 139 14.53 -27.25 5.98
C GLY A 139 14.02 -25.97 6.57
N ALA A 140 13.35 -25.16 5.73
CA ALA A 140 12.81 -23.88 6.18
C ALA A 140 11.52 -24.11 6.94
N THR A 141 10.95 -23.04 7.46
CA THR A 141 9.69 -23.12 8.19
C THR A 141 8.95 -21.80 7.99
N SER A 142 7.77 -21.69 8.57
CA SER A 142 7.00 -20.49 8.43
C SER A 142 6.22 -20.22 9.70
N MET A 143 5.61 -19.05 9.79
CA MET A 143 4.83 -18.71 10.98
C MET A 143 3.64 -19.65 11.07
N LYS A 144 3.00 -19.89 9.92
CA LYS A 144 1.84 -20.77 9.86
C LYS A 144 2.19 -22.18 10.34
N LEU A 145 3.31 -22.71 9.85
CA LEU A 145 3.74 -24.05 10.24
C LEU A 145 4.08 -24.11 11.72
N GLU A 146 4.61 -23.02 12.25
CA GLU A 146 4.98 -22.96 13.67
C GLU A 146 3.79 -22.83 14.61
N LEU A 147 2.82 -22.01 14.23
CA LEU A 147 1.64 -21.79 15.05
C LEU A 147 0.54 -22.80 14.77
N GLY A 148 0.68 -23.52 13.66
CA GLY A 148 -0.32 -24.50 13.29
C GLY A 148 -1.61 -23.86 12.80
N SER A 149 -1.50 -22.61 12.35
CA SER A 149 -2.67 -21.90 11.84
C SER A 149 -2.24 -20.67 11.05
N GLU A 150 -3.12 -20.21 10.17
CA GLU A 150 -2.84 -19.03 9.36
C GLU A 150 -2.63 -17.79 10.20
N VAL A 151 -1.79 -16.89 9.70
CA VAL A 151 -1.50 -15.64 10.39
C VAL A 151 -1.84 -14.48 9.45
N PRO A 152 -2.67 -13.54 9.92
CA PRO A 152 -3.06 -12.38 9.11
C PRO A 152 -1.80 -11.67 8.62
N LEU A 153 -1.51 -11.80 7.33
CA LEU A 153 -0.31 -11.19 6.75
C LEU A 153 -0.17 -9.70 7.06
N LEU A 154 -1.28 -8.96 6.95
CA LEU A 154 -1.26 -7.53 7.21
C LEU A 154 -0.82 -7.22 8.64
N SER A 155 -1.29 -8.02 9.60
CA SER A 155 -0.92 -7.82 10.99
C SER A 155 0.59 -7.97 11.16
N VAL A 156 1.17 -8.95 10.46
CA VAL A 156 2.61 -9.18 10.53
C VAL A 156 3.32 -7.98 9.91
N PHE A 157 2.78 -7.47 8.80
CA PHE A 157 3.36 -6.30 8.15
C PHE A 157 3.35 -5.10 9.10
N ARG A 158 2.19 -4.82 9.69
CA ARG A 158 2.06 -3.69 10.61
C ARG A 158 3.04 -3.81 11.77
N SER A 159 3.10 -5.00 12.36
CA SER A 159 4.00 -5.26 13.48
C SER A 159 5.46 -5.00 13.09
N LEU A 160 5.89 -5.60 11.98
CA LEU A 160 7.27 -5.46 11.53
C LEU A 160 7.67 -4.03 11.25
N ILE A 161 6.86 -3.31 10.47
CA ILE A 161 7.14 -1.93 10.14
C ILE A 161 7.30 -1.09 11.40
N THR A 162 6.45 -1.35 12.39
CA THR A 162 6.52 -0.60 13.63
C THR A 162 7.85 -0.85 14.34
N ASN A 163 8.26 -2.12 14.41
CA ASN A 163 9.52 -2.48 15.06
C ASN A 163 10.72 -1.90 14.31
N LEU A 164 10.72 -2.00 12.99
CA LEU A 164 11.83 -1.51 12.19
C LEU A 164 12.00 0.00 12.32
N ASP A 165 10.88 0.72 12.35
CA ASP A 165 10.92 2.17 12.45
C ASP A 165 11.54 2.57 13.80
N ARG A 166 11.17 1.88 14.88
CA ARG A 166 11.70 2.20 16.19
C ARG A 166 13.20 1.92 16.25
N LEU A 167 13.59 0.74 15.78
CA LEU A 167 14.99 0.31 15.77
C LEU A 167 15.85 1.23 14.90
N TYR A 168 15.29 1.67 13.78
CA TYR A 168 16.03 2.55 12.86
C TYR A 168 16.26 3.92 13.48
N LEU A 169 15.21 4.54 14.02
CA LEU A 169 15.38 5.85 14.63
C LEU A 169 16.39 5.82 15.75
N ASN A 170 16.33 4.79 16.60
CA ASN A 170 17.30 4.72 17.69
C ASN A 170 18.70 4.47 17.13
N PHE A 171 18.79 3.71 16.05
CA PHE A 171 20.09 3.42 15.45
C PHE A 171 20.79 4.68 14.92
N LEU A 172 20.01 5.61 14.38
CA LEU A 172 20.56 6.86 13.86
C LEU A 172 21.18 7.67 14.97
N LYS A 173 20.63 7.51 16.17
CA LYS A 173 21.09 8.22 17.35
C LYS A 173 22.13 7.42 18.16
N ASN A 174 21.87 6.14 18.32
CA ASN A 174 22.74 5.24 19.08
C ASN A 174 23.06 3.98 18.26
N PRO A 175 23.98 4.08 17.30
CA PRO A 175 24.41 2.99 16.41
C PRO A 175 24.87 1.69 17.09
N MET A 176 25.31 1.80 18.34
CA MET A 176 25.79 0.63 19.08
C MET A 176 24.68 -0.18 19.75
N ASP A 177 23.56 0.47 20.09
CA ASP A 177 22.46 -0.21 20.76
C ASP A 177 22.00 -1.51 20.09
N ILE A 178 22.04 -1.54 18.76
CA ILE A 178 21.58 -2.73 18.06
C ILE A 178 22.41 -3.97 18.39
N LEU A 179 23.70 -3.79 18.62
CA LEU A 179 24.57 -4.92 18.91
C LEU A 179 24.10 -5.73 20.12
N ASN A 180 23.66 -5.04 21.17
CA ASN A 180 23.18 -5.70 22.37
C ASN A 180 21.93 -6.56 22.05
N LEU A 181 21.01 -5.99 21.28
CA LEU A 181 19.78 -6.70 20.89
C LEU A 181 20.10 -7.95 20.08
N VAL A 182 21.08 -7.84 19.19
CA VAL A 182 21.50 -8.98 18.36
C VAL A 182 22.07 -10.07 19.28
N ARG A 183 22.99 -9.66 20.14
CA ARG A 183 23.65 -10.54 21.09
C ARG A 183 22.64 -11.39 21.85
N ASP A 184 21.59 -10.73 22.37
CA ASP A 184 20.56 -11.41 23.15
C ASP A 184 19.63 -12.31 22.34
N ASN A 185 19.65 -12.20 21.01
CA ASN A 185 18.75 -13.02 20.19
C ASN A 185 19.50 -13.84 19.14
N MET A 186 20.80 -13.99 19.33
CA MET A 186 21.63 -14.71 18.37
C MET A 186 22.03 -16.09 18.86
N ILE A 187 22.07 -17.05 17.96
CA ILE A 187 22.47 -18.41 18.31
C ILE A 187 23.96 -18.40 18.60
N LEU A 188 24.32 -18.64 19.86
CA LEU A 188 25.73 -18.65 20.22
C LEU A 188 26.04 -19.82 21.15
N GLY A 189 27.34 -20.06 21.37
CA GLY A 189 27.75 -21.13 22.25
C GLY A 189 27.74 -22.51 21.63
N VAL A 190 27.55 -22.59 20.31
CA VAL A 190 27.55 -23.87 19.64
C VAL A 190 28.62 -23.89 18.57
N ARG A 191 28.87 -25.06 18.01
CA ARG A 191 29.91 -25.19 17.00
C ARG A 191 29.41 -24.82 15.60
N VAL A 192 30.25 -24.11 14.86
CA VAL A 192 29.90 -23.68 13.50
C VAL A 192 31.10 -23.83 12.56
N LYS A 193 30.81 -23.85 11.26
CA LYS A 193 31.85 -23.96 10.24
C LYS A 193 31.76 -22.69 9.40
N ILE A 194 32.91 -22.05 9.19
CA ILE A 194 32.92 -20.84 8.38
C ILE A 194 33.37 -21.18 6.97
N LEU A 195 32.50 -20.88 6.00
CA LEU A 195 32.78 -21.18 4.61
C LEU A 195 33.07 -19.91 3.79
N GLY A 196 34.35 -19.60 3.64
CA GLY A 196 34.76 -18.45 2.87
C GLY A 196 35.83 -18.94 1.92
N ASP A 197 37.01 -18.35 1.95
CA ASP A 197 38.09 -18.82 1.09
C ASP A 197 38.65 -20.02 1.87
N GLY A 198 38.01 -21.16 1.68
CA GLY A 198 38.42 -22.35 2.41
C GLY A 198 37.39 -22.52 3.51
N SER A 199 37.85 -22.80 4.73
CA SER A 199 36.93 -22.97 5.85
C SER A 199 37.65 -23.35 7.13
N PHE A 200 36.96 -23.13 8.25
CA PHE A 200 37.48 -23.45 9.57
C PHE A 200 36.30 -23.59 10.53
N GLU A 201 36.49 -24.35 11.61
CA GLU A 201 35.44 -24.58 12.60
C GLU A 201 35.82 -24.05 13.97
N GLY A 202 34.80 -23.89 14.82
CA GLY A 202 35.03 -23.40 16.17
C GLY A 202 33.74 -23.01 16.86
N ILE A 203 33.86 -22.49 18.07
CA ILE A 203 32.70 -22.06 18.85
C ILE A 203 32.36 -20.61 18.53
N ALA A 204 31.10 -20.37 18.15
CA ALA A 204 30.64 -19.00 17.85
C ALA A 204 30.41 -18.38 19.23
N GLU A 205 31.41 -17.65 19.71
CA GLU A 205 31.36 -17.05 21.03
C GLU A 205 30.46 -15.84 21.21
N ASP A 206 30.51 -14.91 20.25
CA ASP A 206 29.74 -13.67 20.36
C ASP A 206 30.06 -12.78 19.15
N ILE A 207 29.52 -11.57 19.13
CA ILE A 207 29.83 -10.63 18.06
C ILE A 207 30.56 -9.48 18.74
N ASP A 208 31.57 -8.90 18.08
CA ASP A 208 32.30 -7.81 18.72
C ASP A 208 31.64 -6.45 18.51
N ASP A 209 32.33 -5.40 18.92
CA ASP A 209 31.80 -4.04 18.80
C ASP A 209 31.63 -3.57 17.36
N PHE A 210 31.99 -4.42 16.40
CA PHE A 210 31.83 -4.09 15.00
C PHE A 210 30.87 -5.07 14.33
N GLY A 211 30.23 -5.92 15.12
CA GLY A 211 29.29 -6.88 14.57
C GLY A 211 29.95 -8.11 13.99
N ARG A 212 31.27 -8.21 14.14
CA ARG A 212 32.02 -9.36 13.64
C ARG A 212 31.75 -10.57 14.51
N LEU A 213 31.63 -11.74 13.89
CA LEU A 213 31.38 -12.96 14.66
C LEU A 213 32.69 -13.47 15.24
N ILE A 214 32.71 -13.74 16.54
CA ILE A 214 33.92 -14.24 17.20
C ILE A 214 33.87 -15.76 17.32
N ILE A 215 34.84 -16.41 16.68
CA ILE A 215 34.94 -17.86 16.65
C ILE A 215 36.21 -18.33 17.36
N ARG A 216 36.06 -19.28 18.29
CA ARG A 216 37.22 -19.82 18.98
C ARG A 216 37.49 -21.20 18.41
N LEU A 217 38.60 -21.34 17.69
CA LEU A 217 38.96 -22.62 17.09
C LEU A 217 39.51 -23.53 18.19
N ASP A 218 39.44 -24.84 17.95
CA ASP A 218 39.91 -25.81 18.94
C ASP A 218 41.34 -25.60 19.44
N SER A 219 42.16 -24.98 18.61
CA SER A 219 43.56 -24.73 18.99
C SER A 219 43.63 -23.55 19.96
N GLY A 220 42.48 -22.96 20.25
CA GLY A 220 42.44 -21.82 21.13
C GLY A 220 42.46 -20.54 20.33
N GLU A 221 42.87 -20.62 19.07
CA GLU A 221 42.92 -19.45 18.20
C GLU A 221 41.55 -18.77 18.07
N VAL A 222 41.57 -17.45 18.06
CA VAL A 222 40.36 -16.65 17.93
C VAL A 222 40.36 -15.95 16.57
N LYS A 223 39.28 -16.10 15.81
CA LYS A 223 39.16 -15.41 14.52
C LYS A 223 37.91 -14.54 14.53
N LYS A 224 38.00 -13.38 13.88
CA LYS A 224 36.88 -12.46 13.81
C LYS A 224 36.34 -12.48 12.39
N VAL A 225 35.11 -12.95 12.24
CA VAL A 225 34.51 -13.03 10.92
C VAL A 225 33.75 -11.77 10.53
N ILE A 226 34.20 -11.13 9.46
CA ILE A 226 33.56 -9.94 8.93
C ILE A 226 32.53 -10.44 7.92
N TYR A 227 31.33 -9.89 7.98
CA TYR A 227 30.29 -10.33 7.06
C TYR A 227 30.45 -9.75 5.66
N GLY A 228 30.35 -10.65 4.70
CA GLY A 228 30.48 -10.30 3.30
C GLY A 228 30.27 -11.63 2.60
N ASP A 229 31.22 -12.05 1.77
CA ASP A 229 31.05 -13.34 1.12
C ASP A 229 31.62 -14.44 2.01
N VAL A 230 30.80 -14.89 2.95
CA VAL A 230 31.17 -15.94 3.89
C VAL A 230 29.88 -16.64 4.33
N SER A 231 29.92 -17.96 4.42
CA SER A 231 28.75 -18.72 4.82
C SER A 231 28.99 -19.48 6.13
N LEU A 232 27.99 -19.46 7.01
CA LEU A 232 28.09 -20.13 8.28
C LEU A 232 27.22 -21.37 8.31
N ARG A 233 27.82 -22.50 8.70
CA ARG A 233 27.11 -23.77 8.79
C ARG A 233 27.20 -24.33 10.21
N PHE A 234 26.06 -24.68 10.78
CA PHE A 234 26.03 -25.25 12.12
C PHE A 234 26.40 -26.73 12.03
N LEU A 235 27.17 -27.21 12.98
CA LEU A 235 27.57 -28.61 12.99
C LEU A 235 26.59 -29.48 13.79
N MET B 1 1.48 -7.82 0.22
CA MET B 1 0.82 -8.32 1.46
C MET B 1 -0.68 -8.05 1.52
N LEU B 2 -1.20 -7.26 0.60
CA LEU B 2 -2.64 -6.97 0.57
C LEU B 2 -3.39 -8.11 -0.12
N GLY B 3 -2.71 -8.80 -1.02
CA GLY B 3 -3.34 -9.90 -1.73
C GLY B 3 -4.55 -9.50 -2.58
N LEU B 4 -4.46 -8.38 -3.26
CA LEU B 4 -5.56 -7.94 -4.10
C LEU B 4 -5.67 -8.90 -5.30
N LYS B 5 -6.89 -9.23 -5.69
CA LYS B 5 -7.11 -10.16 -6.79
C LYS B 5 -7.68 -9.51 -8.05
N THR B 6 -7.66 -8.19 -8.11
CA THR B 6 -8.19 -7.47 -9.26
C THR B 6 -7.29 -7.65 -10.47
N SER B 7 -7.85 -7.40 -11.65
CA SER B 7 -7.12 -7.55 -12.90
C SER B 7 -6.31 -6.32 -13.34
N ILE B 8 -6.91 -5.14 -13.25
CA ILE B 8 -6.21 -3.92 -13.65
C ILE B 8 -6.07 -2.90 -12.52
N ILE B 9 -7.20 -2.48 -11.95
CA ILE B 9 -7.20 -1.51 -10.88
C ILE B 9 -6.72 -2.17 -9.60
N GLY B 10 -5.57 -1.75 -9.11
CA GLY B 10 -5.05 -2.35 -7.90
C GLY B 10 -3.87 -3.27 -8.13
N ARG B 11 -3.39 -3.35 -9.37
CA ARG B 11 -2.23 -4.18 -9.67
C ARG B 11 -1.08 -3.63 -8.84
N ARG B 12 -1.14 -2.33 -8.56
CA ARG B 12 -0.15 -1.65 -7.74
C ARG B 12 -0.85 -0.55 -6.95
N VAL B 13 -0.43 -0.39 -5.70
CA VAL B 13 -1.00 0.64 -4.84
C VAL B 13 0.10 1.41 -4.14
N ILE B 14 0.03 2.74 -4.22
CA ILE B 14 1.02 3.58 -3.57
C ILE B 14 0.31 4.31 -2.44
N TYR B 15 0.74 4.03 -1.21
CA TYR B 15 0.16 4.62 -0.02
C TYR B 15 1.04 5.67 0.63
N PHE B 16 0.41 6.74 1.09
CA PHE B 16 1.08 7.87 1.75
C PHE B 16 0.41 8.14 3.08
N GLN B 17 1.21 8.42 4.12
CA GLN B 17 0.62 8.77 5.41
C GLN B 17 -0.01 10.14 5.21
N GLU B 18 0.67 10.98 4.43
CA GLU B 18 0.22 12.33 4.12
C GLU B 18 0.62 12.74 2.71
N ILE B 19 -0.25 13.51 2.05
CA ILE B 19 0.03 13.95 0.68
C ILE B 19 -0.71 15.26 0.40
N THR B 20 -0.24 16.03 -0.56
CA THR B 20 -0.93 17.28 -0.89
C THR B 20 -2.23 16.93 -1.62
N SER B 21 -2.12 16.06 -2.61
CA SER B 21 -3.25 15.63 -3.42
C SER B 21 -2.91 14.35 -4.18
N THR B 22 -3.77 13.34 -4.07
CA THR B 22 -3.54 12.08 -4.76
C THR B 22 -3.66 12.29 -6.27
N ASN B 23 -4.64 13.09 -6.68
CA ASN B 23 -4.84 13.37 -8.10
C ASN B 23 -3.60 14.04 -8.69
N GLU B 24 -3.06 15.02 -7.98
CA GLU B 24 -1.88 15.73 -8.46
C GLU B 24 -0.69 14.79 -8.62
N PHE B 25 -0.43 13.98 -7.60
CA PHE B 25 0.69 13.03 -7.66
C PHE B 25 0.46 12.08 -8.83
N ALA B 26 -0.78 11.64 -9.01
CA ALA B 26 -1.13 10.72 -10.07
C ALA B 26 -0.96 11.35 -11.45
N LYS B 27 -1.20 12.66 -11.54
CA LYS B 27 -1.08 13.39 -12.79
C LYS B 27 0.37 13.59 -13.21
N THR B 28 1.22 13.93 -12.24
CA THR B 28 2.63 14.21 -12.50
C THR B 28 3.60 13.03 -12.46
N SER B 29 3.17 11.87 -11.99
CA SER B 29 4.08 10.74 -11.91
C SER B 29 3.83 9.68 -12.98
N TYR B 30 4.89 9.09 -13.52
CA TYR B 30 4.69 8.03 -14.50
C TYR B 30 4.24 6.79 -13.75
N LEU B 31 3.02 6.34 -14.01
CA LEU B 31 2.48 5.17 -13.32
C LEU B 31 1.77 4.27 -14.32
N GLU B 32 1.90 2.95 -14.14
CA GLU B 32 1.24 2.03 -15.06
C GLU B 32 -0.26 2.07 -14.82
N GLU B 33 -1.03 1.71 -15.85
CA GLU B 33 -2.48 1.72 -15.73
C GLU B 33 -2.93 0.85 -14.57
N GLY B 34 -3.95 1.31 -13.86
CA GLY B 34 -4.49 0.55 -12.75
C GLY B 34 -3.85 0.88 -11.42
N THR B 35 -2.81 1.70 -11.44
CA THR B 35 -2.14 2.07 -10.20
C THR B 35 -3.05 2.94 -9.35
N VAL B 36 -3.11 2.60 -8.07
CA VAL B 36 -3.95 3.34 -7.15
C VAL B 36 -3.09 4.16 -6.19
N ILE B 37 -3.41 5.44 -6.09
CA ILE B 37 -2.68 6.34 -5.18
C ILE B 37 -3.66 6.60 -4.03
N VAL B 38 -3.25 6.29 -2.80
CA VAL B 38 -4.11 6.49 -1.65
C VAL B 38 -3.34 7.09 -0.47
N ALA B 39 -4.02 7.92 0.31
CA ALA B 39 -3.37 8.55 1.45
C ALA B 39 -4.31 8.69 2.66
N ASP B 40 -3.73 8.64 3.86
CA ASP B 40 -4.53 8.78 5.08
C ASP B 40 -5.19 10.14 5.09
N LYS B 41 -4.53 11.13 4.51
CA LYS B 41 -5.09 12.47 4.44
C LYS B 41 -4.42 13.34 3.38
N GLN B 42 -5.20 14.27 2.84
CA GLN B 42 -4.71 15.19 1.84
C GLN B 42 -4.64 16.56 2.50
N THR B 43 -3.55 17.28 2.27
CA THR B 43 -3.37 18.60 2.85
C THR B 43 -3.87 19.68 1.89
N MET B 44 -4.15 19.29 0.66
CA MET B 44 -4.64 20.22 -0.34
C MET B 44 -5.62 19.54 -1.31
N GLY B 45 -6.58 18.81 -0.76
CA GLY B 45 -7.57 18.15 -1.60
C GLY B 45 -8.52 19.17 -2.19
N HIS B 46 -9.05 18.88 -3.36
CA HIS B 46 -9.98 19.78 -4.02
C HIS B 46 -11.04 19.05 -4.83
N GLY B 47 -12.14 19.75 -5.02
CA GLY B 47 -13.26 19.14 -5.71
C GLY B 47 -13.50 19.38 -7.19
N ARG B 48 -14.59 18.71 -7.60
CA ARG B 48 -15.10 18.74 -8.94
C ARG B 48 -15.23 20.19 -9.29
N LEU B 49 -15.81 20.99 -8.39
CA LEU B 49 -16.04 22.40 -8.71
C LEU B 49 -15.02 23.32 -8.13
N ASN B 50 -13.87 22.73 -7.88
CA ASN B 50 -12.71 23.47 -7.42
C ASN B 50 -12.84 23.95 -5.99
N ARG B 51 -13.87 23.46 -5.28
CA ARG B 51 -13.90 23.78 -3.88
C ARG B 51 -12.96 22.88 -3.06
N LYS B 52 -12.25 23.54 -2.12
CA LYS B 52 -11.36 22.78 -1.26
C LYS B 52 -12.12 21.59 -0.67
N TRP B 53 -11.57 20.38 -0.91
CA TRP B 53 -12.22 19.20 -0.36
C TRP B 53 -11.53 18.75 0.93
N GLU B 54 -12.30 18.69 2.03
CA GLU B 54 -11.76 18.25 3.30
C GLU B 54 -11.41 16.77 3.29
N SER B 55 -10.14 16.47 3.57
CA SER B 55 -9.66 15.09 3.56
C SER B 55 -8.93 14.69 4.83
N PRO B 56 -9.62 14.70 5.98
CA PRO B 56 -8.99 14.33 7.24
C PRO B 56 -8.82 12.82 7.43
N GLU B 57 -8.04 12.44 8.42
CA GLU B 57 -7.82 11.04 8.70
C GLU B 57 -9.15 10.35 8.98
N GLY B 58 -9.27 9.13 8.50
CA GLY B 58 -10.49 8.39 8.71
C GLY B 58 -11.22 8.19 7.39
N GLY B 59 -10.93 9.05 6.41
CA GLY B 59 -11.59 8.93 5.13
C GLY B 59 -10.82 8.13 4.08
N LEU B 60 -11.47 7.86 2.95
CA LEU B 60 -10.84 7.11 1.87
C LEU B 60 -10.55 8.11 0.75
N TRP B 61 -9.28 8.49 0.60
CA TRP B 61 -8.87 9.45 -0.41
C TRP B 61 -7.92 8.77 -1.41
N LEU B 62 -8.39 8.57 -2.63
CA LEU B 62 -7.56 7.91 -3.62
C LEU B 62 -7.75 8.38 -5.07
N SER B 63 -6.79 8.03 -5.90
CA SER B 63 -6.83 8.36 -7.32
C SER B 63 -6.39 7.13 -8.07
N ILE B 64 -7.02 6.87 -9.22
CA ILE B 64 -6.69 5.71 -10.02
C ILE B 64 -6.25 6.15 -11.41
N VAL B 65 -5.14 5.59 -11.87
CA VAL B 65 -4.60 5.91 -13.18
C VAL B 65 -5.17 4.97 -14.23
N LEU B 66 -5.76 5.55 -15.27
CA LEU B 66 -6.35 4.77 -16.34
C LEU B 66 -5.94 5.36 -17.68
N SER B 67 -6.01 4.56 -18.73
CA SER B 67 -5.68 5.00 -20.08
C SER B 67 -6.60 4.18 -20.95
N PRO B 68 -7.91 4.37 -20.77
CA PRO B 68 -8.94 3.64 -21.52
C PRO B 68 -8.81 3.70 -23.04
N LYS B 69 -8.67 2.53 -23.65
CA LYS B 69 -8.55 2.44 -25.10
C LYS B 69 -9.95 2.40 -25.72
N VAL B 70 -10.71 3.48 -25.51
CA VAL B 70 -12.06 3.57 -26.05
C VAL B 70 -12.22 4.84 -26.89
N PRO B 71 -13.28 4.90 -27.72
CA PRO B 71 -13.50 6.08 -28.55
C PRO B 71 -13.51 7.35 -27.70
N GLN B 72 -13.15 8.48 -28.32
CA GLN B 72 -13.11 9.76 -27.64
C GLN B 72 -14.39 10.05 -26.84
N LYS B 73 -15.53 9.97 -27.53
CA LYS B 73 -16.85 10.24 -26.95
C LYS B 73 -17.11 9.60 -25.58
N ASP B 74 -16.58 8.39 -25.38
CA ASP B 74 -16.79 7.66 -24.13
C ASP B 74 -15.95 8.17 -22.96
N LEU B 75 -14.78 8.72 -23.27
CA LEU B 75 -13.88 9.24 -22.23
C LEU B 75 -14.58 9.96 -21.07
N PRO B 76 -15.54 10.84 -21.37
CA PRO B 76 -16.26 11.58 -20.32
C PRO B 76 -17.02 10.76 -19.27
N LYS B 77 -17.34 9.50 -19.58
CA LYS B 77 -18.09 8.64 -18.67
C LYS B 77 -17.29 8.01 -17.53
N ILE B 78 -15.99 8.26 -17.48
CA ILE B 78 -15.15 7.70 -16.42
C ILE B 78 -15.64 8.11 -15.03
N VAL B 79 -16.09 9.35 -14.90
CA VAL B 79 -16.57 9.86 -13.61
C VAL B 79 -17.70 8.99 -13.06
N PHE B 80 -18.55 8.47 -13.95
CA PHE B 80 -19.67 7.62 -13.54
C PHE B 80 -19.21 6.27 -13.01
N LEU B 81 -18.07 5.78 -13.48
CA LEU B 81 -17.56 4.50 -12.99
C LEU B 81 -17.27 4.70 -11.52
N GLY B 82 -16.66 5.83 -11.20
CA GLY B 82 -16.33 6.14 -9.82
C GLY B 82 -17.57 6.24 -8.97
N ALA B 83 -18.56 7.01 -9.43
CA ALA B 83 -19.80 7.20 -8.70
C ALA B 83 -20.51 5.87 -8.45
N VAL B 84 -20.66 5.08 -9.50
CA VAL B 84 -21.33 3.78 -9.36
C VAL B 84 -20.54 2.85 -8.43
N GLY B 85 -19.22 2.84 -8.57
CA GLY B 85 -18.40 1.99 -7.72
C GLY B 85 -18.66 2.29 -6.25
N VAL B 86 -18.73 3.58 -5.93
CA VAL B 86 -19.00 4.01 -4.56
C VAL B 86 -20.39 3.53 -4.13
N VAL B 87 -21.39 3.67 -5.01
CA VAL B 87 -22.74 3.22 -4.70
C VAL B 87 -22.78 1.72 -4.39
N GLU B 88 -22.09 0.91 -5.20
CA GLU B 88 -22.07 -0.53 -4.99
C GLU B 88 -21.39 -0.90 -3.66
N THR B 89 -20.34 -0.16 -3.32
CA THR B 89 -19.62 -0.40 -2.08
C THR B 89 -20.51 -0.03 -0.89
N LEU B 90 -21.15 1.12 -0.96
CA LEU B 90 -22.04 1.57 0.10
C LEU B 90 -23.14 0.54 0.33
N LYS B 91 -23.71 0.02 -0.75
CA LYS B 91 -24.77 -0.97 -0.62
C LYS B 91 -24.28 -2.22 0.13
N GLU B 92 -23.04 -2.62 -0.16
CA GLU B 92 -22.43 -3.78 0.48
C GLU B 92 -22.36 -3.55 1.99
N PHE B 93 -22.30 -2.29 2.39
CA PHE B 93 -22.23 -1.96 3.80
C PHE B 93 -23.57 -1.52 4.37
N SER B 94 -24.65 -1.88 3.66
CA SER B 94 -26.00 -1.55 4.09
C SER B 94 -26.33 -0.06 4.08
N ILE B 95 -25.77 0.65 3.10
CA ILE B 95 -26.00 2.08 2.96
C ILE B 95 -26.51 2.37 1.55
N ASP B 96 -27.61 3.10 1.45
CA ASP B 96 -28.19 3.43 0.15
C ASP B 96 -27.76 4.81 -0.36
N GLY B 97 -26.68 4.83 -1.14
CA GLY B 97 -26.20 6.07 -1.69
C GLY B 97 -26.85 6.31 -3.04
N ARG B 98 -27.18 7.56 -3.33
CA ARG B 98 -27.81 7.91 -4.61
C ARG B 98 -26.96 8.97 -5.29
N ILE B 99 -26.81 8.83 -6.60
CA ILE B 99 -25.99 9.75 -7.37
C ILE B 99 -26.59 11.12 -7.68
N LYS B 100 -25.85 12.15 -7.30
CA LYS B 100 -26.24 13.51 -7.62
C LYS B 100 -25.38 13.80 -8.84
N TRP B 101 -26.01 13.77 -10.01
CA TRP B 101 -25.33 14.03 -11.26
C TRP B 101 -24.46 15.27 -11.13
N PRO B 102 -23.22 15.21 -11.64
CA PRO B 102 -22.68 14.03 -12.31
C PRO B 102 -21.64 13.25 -11.50
N ASN B 103 -21.14 13.84 -10.43
CA ASN B 103 -20.05 13.21 -9.67
C ASN B 103 -20.16 13.00 -8.17
N ASP B 104 -21.33 13.20 -7.58
CA ASP B 104 -21.43 13.01 -6.14
C ASP B 104 -22.40 11.92 -5.71
N VAL B 105 -22.16 11.39 -4.51
CA VAL B 105 -23.02 10.36 -3.97
C VAL B 105 -23.61 10.93 -2.68
N LEU B 106 -24.92 10.82 -2.53
CA LEU B 106 -25.60 11.32 -1.35
C LEU B 106 -26.36 10.19 -0.67
N VAL B 107 -26.55 10.36 0.64
CA VAL B 107 -27.31 9.41 1.45
C VAL B 107 -28.32 10.31 2.14
N ASN B 108 -29.60 10.14 1.79
CA ASN B 108 -30.67 10.97 2.35
C ASN B 108 -30.32 12.43 2.10
N TYR B 109 -29.86 12.70 0.88
CA TYR B 109 -29.48 14.05 0.44
C TYR B 109 -28.25 14.68 1.09
N LYS B 110 -27.51 13.89 1.87
CA LYS B 110 -26.29 14.37 2.51
C LYS B 110 -25.10 13.79 1.76
N LYS B 111 -24.15 14.64 1.37
CA LYS B 111 -22.98 14.23 0.62
C LYS B 111 -22.05 13.31 1.39
N ILE B 112 -21.79 12.13 0.82
CA ILE B 112 -20.92 11.15 1.45
C ILE B 112 -19.66 10.90 0.61
N ALA B 113 -19.73 11.20 -0.68
CA ALA B 113 -18.59 10.99 -1.55
C ALA B 113 -18.55 11.96 -2.72
N GLY B 114 -17.35 12.21 -3.22
CA GLY B 114 -17.16 13.09 -4.35
C GLY B 114 -16.20 12.48 -5.34
N VAL B 115 -16.49 12.61 -6.63
CA VAL B 115 -15.64 12.05 -7.66
C VAL B 115 -15.09 13.17 -8.52
N LEU B 116 -13.78 13.11 -8.79
CA LEU B 116 -13.11 14.12 -9.59
C LEU B 116 -12.24 13.46 -10.65
N VAL B 117 -12.50 13.78 -11.91
CA VAL B 117 -11.73 13.21 -13.01
C VAL B 117 -10.90 14.25 -13.77
N GLU B 118 -9.61 13.98 -13.88
CA GLU B 118 -8.68 14.85 -14.59
C GLU B 118 -7.90 13.99 -15.60
N GLY B 119 -7.53 14.57 -16.72
CA GLY B 119 -6.81 13.81 -17.73
C GLY B 119 -5.54 14.41 -18.28
N LYS B 120 -4.46 14.33 -17.53
CA LYS B 120 -3.19 14.89 -17.99
C LYS B 120 -2.62 13.99 -19.09
N GLY B 121 -2.36 14.58 -20.25
CA GLY B 121 -1.83 13.80 -21.36
C GLY B 121 -2.86 12.77 -21.78
N ASP B 122 -2.39 11.60 -22.21
CA ASP B 122 -3.31 10.55 -22.63
C ASP B 122 -3.79 9.62 -21.52
N LYS B 123 -3.36 9.89 -20.29
CA LYS B 123 -3.82 9.05 -19.18
C LYS B 123 -4.91 9.80 -18.42
N ILE B 124 -5.84 9.06 -17.86
CA ILE B 124 -6.94 9.64 -17.12
C ILE B 124 -6.77 9.36 -15.64
N VAL B 125 -7.07 10.34 -14.80
CA VAL B 125 -6.95 10.15 -13.36
C VAL B 125 -8.33 10.22 -12.71
N LEU B 126 -8.76 9.11 -12.13
CA LEU B 126 -10.04 9.04 -11.46
C LEU B 126 -9.85 9.29 -9.96
N GLY B 127 -10.30 10.45 -9.50
CA GLY B 127 -10.18 10.79 -8.09
C GLY B 127 -11.47 10.56 -7.33
N ILE B 128 -11.36 9.90 -6.17
CA ILE B 128 -12.53 9.61 -5.36
C ILE B 128 -12.27 9.93 -3.88
N GLY B 129 -13.20 10.66 -3.29
CA GLY B 129 -13.09 11.01 -1.88
C GLY B 129 -14.33 10.48 -1.19
N LEU B 130 -14.17 9.53 -0.28
CA LEU B 130 -15.31 8.94 0.42
C LEU B 130 -15.21 9.08 1.94
N ASN B 131 -16.24 9.67 2.54
CA ASN B 131 -16.25 9.84 4.00
C ASN B 131 -16.57 8.54 4.70
N VAL B 132 -15.60 8.02 5.43
CA VAL B 132 -15.81 6.78 6.16
C VAL B 132 -15.92 7.06 7.66
N ASN B 133 -14.79 7.25 8.33
CA ASN B 133 -14.79 7.50 9.77
C ASN B 133 -14.35 8.91 10.15
N ASN B 134 -14.00 9.70 9.14
CA ASN B 134 -13.54 11.07 9.37
C ASN B 134 -14.66 12.04 9.71
N LYS B 135 -14.28 13.15 10.33
CA LYS B 135 -15.23 14.20 10.66
C LYS B 135 -15.62 14.79 9.31
N VAL B 136 -16.84 15.27 9.18
CA VAL B 136 -17.28 15.85 7.91
C VAL B 136 -17.96 17.20 8.12
N PRO B 137 -17.88 18.07 7.10
CA PRO B 137 -18.50 19.39 7.20
C PRO B 137 -20.00 19.29 7.46
N ASN B 138 -20.54 20.30 8.13
CA ASN B 138 -21.96 20.31 8.45
C ASN B 138 -22.76 20.08 7.17
N GLY B 139 -23.80 19.26 7.26
CA GLY B 139 -24.60 18.97 6.09
C GLY B 139 -24.17 17.72 5.34
N ALA B 140 -22.93 17.29 5.56
CA ALA B 140 -22.41 16.09 4.90
C ALA B 140 -22.61 14.90 5.82
N THR B 141 -22.19 13.72 5.36
CA THR B 141 -22.31 12.53 6.19
C THR B 141 -21.16 11.56 5.89
N SER B 142 -21.13 10.44 6.60
CA SER B 142 -20.07 9.46 6.42
C SER B 142 -20.63 8.08 6.70
N MET B 143 -19.88 7.04 6.33
CA MET B 143 -20.31 5.68 6.58
C MET B 143 -20.45 5.45 8.08
N LYS B 144 -19.57 6.10 8.85
CA LYS B 144 -19.61 5.96 10.29
C LYS B 144 -20.88 6.60 10.84
N LEU B 145 -21.18 7.81 10.37
CA LEU B 145 -22.38 8.50 10.82
C LEU B 145 -23.64 7.72 10.43
N GLU B 146 -23.66 7.19 9.22
CA GLU B 146 -24.81 6.42 8.75
C GLU B 146 -25.02 5.13 9.53
N LEU B 147 -23.92 4.42 9.79
CA LEU B 147 -23.99 3.16 10.50
C LEU B 147 -23.91 3.29 12.02
N GLY B 148 -23.42 4.42 12.50
CA GLY B 148 -23.33 4.61 13.95
C GLY B 148 -22.14 3.92 14.61
N SER B 149 -21.19 3.46 13.80
CA SER B 149 -20.00 2.80 14.33
C SER B 149 -18.82 2.91 13.37
N GLU B 150 -17.61 2.82 13.90
CA GLU B 150 -16.40 2.90 13.09
C GLU B 150 -16.46 1.81 12.03
N VAL B 151 -15.93 2.09 10.85
CA VAL B 151 -15.93 1.12 9.76
C VAL B 151 -14.49 0.78 9.40
N PRO B 152 -14.16 -0.51 9.28
CA PRO B 152 -12.79 -0.92 8.92
C PRO B 152 -12.45 -0.28 7.59
N LEU B 153 -11.64 0.78 7.64
CA LEU B 153 -11.25 1.52 6.44
C LEU B 153 -10.65 0.66 5.34
N LEU B 154 -9.75 -0.27 5.69
CA LEU B 154 -9.16 -1.12 4.67
C LEU B 154 -10.23 -1.95 3.98
N SER B 155 -11.26 -2.35 4.73
CA SER B 155 -12.36 -3.15 4.17
C SER B 155 -13.10 -2.37 3.09
N VAL B 156 -13.28 -1.08 3.31
CA VAL B 156 -13.97 -0.24 2.34
C VAL B 156 -13.09 -0.14 1.08
N PHE B 157 -11.79 0.05 1.29
CA PHE B 157 -10.84 0.15 0.20
C PHE B 157 -10.93 -1.10 -0.68
N ARG B 158 -10.78 -2.27 -0.05
CA ARG B 158 -10.83 -3.54 -0.76
C ARG B 158 -12.11 -3.69 -1.59
N SER B 159 -13.24 -3.32 -0.99
CA SER B 159 -14.53 -3.42 -1.66
C SER B 159 -14.64 -2.46 -2.86
N LEU B 160 -14.25 -1.21 -2.66
CA LEU B 160 -14.33 -0.22 -3.73
C LEU B 160 -13.43 -0.60 -4.91
N ILE B 161 -12.22 -1.02 -4.62
CA ILE B 161 -11.27 -1.40 -5.66
C ILE B 161 -11.78 -2.60 -6.46
N THR B 162 -12.45 -3.52 -5.79
CA THR B 162 -13.01 -4.69 -6.45
C THR B 162 -14.12 -4.27 -7.41
N ASN B 163 -15.01 -3.40 -6.96
CA ASN B 163 -16.11 -2.94 -7.79
C ASN B 163 -15.62 -2.10 -8.97
N LEU B 164 -14.68 -1.19 -8.72
CA LEU B 164 -14.14 -0.37 -9.79
C LEU B 164 -13.40 -1.20 -10.84
N ASP B 165 -12.69 -2.23 -10.41
CA ASP B 165 -11.97 -3.07 -11.36
C ASP B 165 -12.96 -3.76 -12.29
N ARG B 166 -14.04 -4.28 -11.71
CA ARG B 166 -15.07 -4.97 -12.47
C ARG B 166 -15.81 -4.02 -13.42
N LEU B 167 -16.14 -2.83 -12.92
CA LEU B 167 -16.85 -1.83 -13.72
C LEU B 167 -15.97 -1.34 -14.87
N TYR B 168 -14.68 -1.17 -14.60
CA TYR B 168 -13.75 -0.70 -15.62
C TYR B 168 -13.51 -1.76 -16.70
N LEU B 169 -13.35 -3.02 -16.31
CA LEU B 169 -13.14 -4.06 -17.30
C LEU B 169 -14.34 -4.16 -18.25
N ASN B 170 -15.54 -3.99 -17.72
CA ASN B 170 -16.72 -4.08 -18.58
C ASN B 170 -16.82 -2.84 -19.46
N PHE B 171 -16.46 -1.68 -18.91
CA PHE B 171 -16.51 -0.43 -19.64
C PHE B 171 -15.62 -0.49 -20.88
N LEU B 172 -14.49 -1.20 -20.77
CA LEU B 172 -13.57 -1.33 -21.88
C LEU B 172 -14.22 -2.12 -23.02
N LYS B 173 -15.13 -3.02 -22.68
CA LYS B 173 -15.81 -3.83 -23.70
C LYS B 173 -17.19 -3.31 -24.08
N ASN B 174 -17.95 -2.85 -23.09
CA ASN B 174 -19.30 -2.35 -23.31
C ASN B 174 -19.47 -0.99 -22.63
N PRO B 175 -18.79 0.06 -23.15
CA PRO B 175 -18.85 1.42 -22.61
C PRO B 175 -20.21 2.08 -22.42
N MET B 176 -21.27 1.48 -22.95
CA MET B 176 -22.61 2.07 -22.79
C MET B 176 -23.31 1.61 -21.51
N ASP B 177 -22.94 0.42 -21.03
CA ASP B 177 -23.56 -0.14 -19.83
C ASP B 177 -23.59 0.79 -18.61
N ILE B 178 -22.49 1.50 -18.37
CA ILE B 178 -22.41 2.38 -17.21
C ILE B 178 -23.55 3.38 -17.11
N LEU B 179 -24.01 3.90 -18.25
CA LEU B 179 -25.10 4.86 -18.27
C LEU B 179 -26.35 4.31 -17.59
N ASN B 180 -26.68 3.06 -17.90
CA ASN B 180 -27.85 2.42 -17.30
C ASN B 180 -27.69 2.31 -15.79
N LEU B 181 -26.49 1.94 -15.33
CA LEU B 181 -26.28 1.82 -13.89
C LEU B 181 -26.47 3.18 -13.22
N VAL B 182 -25.96 4.23 -13.84
CA VAL B 182 -26.11 5.58 -13.31
C VAL B 182 -27.58 5.97 -13.24
N ARG B 183 -28.31 5.75 -14.33
CA ARG B 183 -29.74 6.09 -14.38
C ARG B 183 -30.50 5.45 -13.22
N ASP B 184 -30.22 4.19 -12.97
CA ASP B 184 -30.92 3.46 -11.92
C ASP B 184 -30.50 3.81 -10.51
N ASN B 185 -29.44 4.61 -10.38
CA ASN B 185 -28.93 5.00 -9.06
C ASN B 185 -28.80 6.50 -8.91
N MET B 186 -29.40 7.24 -9.84
CA MET B 186 -29.31 8.68 -9.82
C MET B 186 -30.61 9.32 -9.33
N ILE B 187 -30.51 10.54 -8.83
CA ILE B 187 -31.68 11.24 -8.33
C ILE B 187 -32.40 11.88 -9.51
N LEU B 188 -33.58 11.37 -9.84
CA LEU B 188 -34.33 11.89 -10.98
C LEU B 188 -35.75 12.24 -10.58
N GLY B 189 -36.46 12.91 -11.49
CA GLY B 189 -37.84 13.29 -11.23
C GLY B 189 -38.01 14.40 -10.20
N VAL B 190 -36.95 15.17 -9.96
CA VAL B 190 -37.01 16.27 -9.00
C VAL B 190 -36.54 17.55 -9.65
N ARG B 191 -36.98 18.67 -9.09
CA ARG B 191 -36.63 19.98 -9.60
C ARG B 191 -35.20 20.38 -9.23
N VAL B 192 -34.48 20.93 -10.21
CA VAL B 192 -33.11 21.36 -9.99
C VAL B 192 -32.83 22.70 -10.66
N LYS B 193 -31.81 23.39 -10.18
CA LYS B 193 -31.44 24.66 -10.77
C LYS B 193 -29.98 24.60 -11.23
N ILE B 194 -29.74 25.05 -12.45
CA ILE B 194 -28.39 25.09 -13.00
C ILE B 194 -27.88 26.50 -12.78
N LEU B 195 -26.82 26.61 -11.99
CA LEU B 195 -26.21 27.89 -11.65
C LEU B 195 -25.24 28.40 -12.72
N GLY B 196 -24.94 29.69 -12.65
CA GLY B 196 -24.03 30.28 -13.62
C GLY B 196 -24.78 31.17 -14.58
N ASP B 197 -24.14 31.59 -15.65
CA ASP B 197 -24.82 32.44 -16.63
C ASP B 197 -25.88 31.62 -17.36
N GLY B 198 -26.98 32.28 -17.73
CA GLY B 198 -28.05 31.59 -18.41
C GLY B 198 -28.73 30.63 -17.46
N SER B 199 -28.49 30.84 -16.16
CA SER B 199 -29.07 30.00 -15.12
C SER B 199 -30.55 29.72 -15.39
N PHE B 200 -30.96 28.48 -15.11
CA PHE B 200 -32.35 28.07 -15.33
C PHE B 200 -32.70 26.90 -14.42
N GLU B 201 -33.99 26.60 -14.33
CA GLU B 201 -34.42 25.49 -13.50
C GLU B 201 -35.48 24.65 -14.20
N GLY B 202 -35.65 23.43 -13.72
CA GLY B 202 -36.62 22.54 -14.31
C GLY B 202 -36.50 21.16 -13.69
N ILE B 203 -37.20 20.20 -14.29
CA ILE B 203 -37.15 18.85 -13.78
C ILE B 203 -36.04 18.02 -14.43
N ALA B 204 -35.27 17.36 -13.58
CA ALA B 204 -34.18 16.49 -14.00
C ALA B 204 -34.86 15.20 -14.42
N GLU B 205 -35.10 15.07 -15.72
CA GLU B 205 -35.79 13.91 -16.27
C GLU B 205 -34.96 12.63 -16.36
N ASP B 206 -33.76 12.74 -16.92
CA ASP B 206 -32.91 11.57 -17.11
C ASP B 206 -31.58 12.06 -17.68
N ILE B 207 -30.72 11.11 -18.05
CA ILE B 207 -29.45 11.46 -18.67
C ILE B 207 -29.52 10.80 -20.04
N ASP B 208 -28.89 11.39 -21.05
CA ASP B 208 -28.95 10.79 -22.38
C ASP B 208 -27.78 9.86 -22.67
N ASP B 209 -27.60 9.53 -23.95
CA ASP B 209 -26.54 8.63 -24.39
C ASP B 209 -25.13 9.20 -24.22
N PHE B 210 -25.04 10.49 -23.92
CA PHE B 210 -23.75 11.13 -23.69
C PHE B 210 -23.64 11.45 -22.20
N GLY B 211 -24.61 10.99 -21.43
CA GLY B 211 -24.60 11.25 -20.00
C GLY B 211 -25.00 12.67 -19.63
N ARG B 212 -25.54 13.41 -20.59
CA ARG B 212 -25.97 14.78 -20.32
C ARG B 212 -27.26 14.75 -19.51
N LEU B 213 -27.37 15.66 -18.55
CA LEU B 213 -28.59 15.70 -17.75
C LEU B 213 -29.67 16.37 -18.60
N ILE B 214 -30.81 15.69 -18.75
CA ILE B 214 -31.92 16.23 -19.53
C ILE B 214 -32.86 16.92 -18.57
N ILE B 215 -33.05 18.23 -18.79
CA ILE B 215 -33.92 19.03 -17.93
C ILE B 215 -35.10 19.61 -18.70
N ARG B 216 -36.30 19.46 -18.13
CA ARG B 216 -37.48 20.02 -18.76
C ARG B 216 -37.89 21.30 -18.05
N LEU B 217 -37.72 22.44 -18.72
CA LEU B 217 -38.11 23.70 -18.09
C LEU B 217 -39.64 23.78 -18.09
N ASP B 218 -40.19 24.67 -17.27
CA ASP B 218 -41.63 24.83 -17.17
C ASP B 218 -42.29 25.24 -18.48
N SER B 219 -41.54 25.92 -19.34
CA SER B 219 -42.05 26.36 -20.62
C SER B 219 -42.21 25.14 -21.53
N GLY B 220 -41.56 24.05 -21.17
CA GLY B 220 -41.62 22.84 -21.97
C GLY B 220 -40.33 22.68 -22.74
N GLU B 221 -39.50 23.71 -22.73
CA GLU B 221 -38.22 23.65 -23.41
C GLU B 221 -37.34 22.57 -22.78
N VAL B 222 -36.58 21.86 -23.59
CA VAL B 222 -35.70 20.83 -23.10
C VAL B 222 -34.25 21.24 -23.28
N LYS B 223 -33.50 21.24 -22.18
CA LYS B 223 -32.09 21.58 -22.22
C LYS B 223 -31.25 20.38 -21.79
N LYS B 224 -30.09 20.22 -22.42
CA LYS B 224 -29.19 19.12 -22.12
C LYS B 224 -27.96 19.74 -21.49
N VAL B 225 -27.67 19.35 -20.25
CA VAL B 225 -26.53 19.90 -19.54
C VAL B 225 -25.29 19.01 -19.59
N ILE B 226 -24.21 19.57 -20.12
CA ILE B 226 -22.94 18.86 -20.22
C ILE B 226 -22.34 18.80 -18.83
N TYR B 227 -21.67 17.69 -18.48
CA TYR B 227 -21.07 17.61 -17.17
C TYR B 227 -19.61 18.08 -17.22
N GLY B 228 -19.44 19.39 -17.19
CA GLY B 228 -18.11 19.96 -17.23
C GLY B 228 -17.81 20.74 -15.96
N ASP B 229 -18.21 22.01 -15.92
CA ASP B 229 -17.99 22.86 -14.76
C ASP B 229 -19.33 23.05 -14.06
N VAL B 230 -20.37 22.48 -14.64
CA VAL B 230 -21.73 22.60 -14.13
C VAL B 230 -21.88 22.57 -12.61
N SER B 231 -22.64 23.53 -12.11
CA SER B 231 -22.93 23.64 -10.67
C SER B 231 -24.45 23.51 -10.58
N LEU B 232 -24.90 22.46 -9.91
CA LEU B 232 -26.33 22.19 -9.78
C LEU B 232 -26.84 22.22 -8.35
N ARG B 233 -28.12 22.56 -8.19
CA ARG B 233 -28.75 22.65 -6.89
C ARG B 233 -30.15 22.02 -6.89
N PHE B 234 -30.48 21.28 -5.84
CA PHE B 234 -31.81 20.67 -5.73
C PHE B 234 -32.74 21.70 -5.11
N LEU B 235 -33.92 21.86 -5.67
CA LEU B 235 -34.89 22.83 -5.18
C LEU B 235 -36.01 22.13 -4.40
#